data_3KJQ
#
_entry.id   3KJQ
#
_cell.length_a   63.974
_cell.length_b   63.974
_cell.length_c   130.847
_cell.angle_alpha   90.00
_cell.angle_beta   90.00
_cell.angle_gamma   120.00
#
_symmetry.space_group_name_H-M   'P 31 2 1'
#
loop_
_entity.id
_entity.type
_entity.pdbx_description
1 polymer Caspase-8
2 polymer Caspase-8
3 non-polymer '(3S)-3-({[(5S,8R)-2-(3-carboxypropyl)-8-(2-{[(4-chlorophenyl)acetyl]amino}ethyl)-1,3-dioxo-2,3,5,8-tetrahydro-1H-[1,2,4]triazolo[1,2-a]pyridazin-5-yl]carbonyl}amino)-4-oxopentanoic acid'
4 water water
#
loop_
_entity_poly.entity_id
_entity_poly.type
_entity_poly.pdbx_seq_one_letter_code
_entity_poly.pdbx_strand_id
1 'polypeptide(L)'
;SPREQDSESQTLDKVYQMKSKPRGYCLIINNHNFAKAREKVPKLHSIRDRNGTHLDAGALTTTFEELHFEIKPHDDCTVE
QIYEILKIYQLMDHSNMDCFICCILSHGDKGIIYGTDGQEAPIYELTSQFTGLKCPSLAGKPKVFFIQACQGDNYQKGIP
VETD
;
A
2 'polypeptide(L)'
;LSSPQTRYIPDEADFLLGMATVNNCVSYRNPAEGTWYIQSLCQSLRERCPRGDDILTILTEVNYEVSNKDDKKNMGKQMP
QPTFTLRKKLVFPSD
;
B
#
# COMPACT_ATOMS: atom_id res chain seq x y z
N ASP A 13 25.53 8.24 -1.24
CA ASP A 13 24.14 8.54 -0.78
C ASP A 13 23.82 7.82 0.54
N LYS A 14 23.15 8.52 1.45
CA LYS A 14 22.66 7.92 2.69
C LYS A 14 21.53 6.93 2.38
N VAL A 15 21.54 5.80 3.10
CA VAL A 15 20.58 4.72 2.90
C VAL A 15 20.08 4.24 4.25
N TYR A 16 18.80 3.92 4.37
CA TYR A 16 18.25 3.43 5.62
C TYR A 16 18.88 2.08 5.95
N GLN A 17 19.27 1.91 7.21
CA GLN A 17 19.70 0.59 7.70
C GLN A 17 18.61 -0.43 7.42
N MET A 18 19.01 -1.57 6.86
CA MET A 18 18.06 -2.60 6.46
C MET A 18 18.77 -3.98 6.56
N LYS A 19 19.01 -4.39 7.80
CA LYS A 19 19.80 -5.59 8.09
C LYS A 19 19.21 -6.54 9.17
N SER A 20 18.19 -6.12 9.89
CA SER A 20 17.56 -6.98 10.88
C SER A 20 16.83 -8.14 10.18
N LYS A 21 16.72 -9.29 10.85
CA LYS A 21 15.84 -10.37 10.36
C LYS A 21 14.91 -10.81 11.50
N PRO A 22 13.59 -10.59 11.37
CA PRO A 22 12.96 -9.95 10.20
C PRO A 22 13.33 -8.48 10.07
N ARG A 23 13.18 -7.95 8.85
CA ARG A 23 13.33 -6.51 8.61
C ARG A 23 12.33 -5.71 9.43
N GLY A 24 11.15 -6.29 9.59
CA GLY A 24 10.04 -5.66 10.26
C GLY A 24 8.75 -6.42 9.95
N TYR A 25 7.63 -5.92 10.48
CA TYR A 25 6.32 -6.47 10.15
C TYR A 25 5.86 -5.91 8.82
N CYS A 26 5.21 -6.75 8.02
CA CYS A 26 4.48 -6.28 6.85
C CYS A 26 3.03 -6.69 7.03
N LEU A 27 2.19 -5.73 7.41
CA LEU A 27 0.74 -6.01 7.56
C LEU A 27 0.07 -6.08 6.18
N ILE A 28 -0.84 -7.03 6.01
CA ILE A 28 -1.69 -7.07 4.83
C ILE A 28 -3.16 -7.12 5.29
N ILE A 29 -3.89 -6.03 5.07
CA ILE A 29 -5.34 -5.99 5.30
C ILE A 29 -6.01 -6.31 3.98
N ASN A 30 -6.66 -7.47 3.92
CA ASN A 30 -7.17 -8.02 2.66
C ASN A 30 -8.70 -8.13 2.67
N ASN A 31 -9.36 -7.11 2.15
CA ASN A 31 -10.83 -7.05 2.19
C ASN A 31 -11.50 -7.59 0.93
N HIS A 32 -12.24 -8.69 1.10
CA HIS A 32 -12.92 -9.34 0.00
C HIS A 32 -14.43 -9.23 0.10
N ASN A 33 -14.99 -9.56 1.26
CA ASN A 33 -16.44 -9.74 1.40
C ASN A 33 -17.12 -8.48 1.92
N PHE A 34 -17.86 -7.80 1.03
CA PHE A 34 -18.58 -6.56 1.37
C PHE A 34 -20.10 -6.74 1.57
N ALA A 35 -20.51 -7.94 1.95
CA ALA A 35 -21.92 -8.21 2.24
C ALA A 35 -22.48 -7.23 3.28
N LYS A 36 -21.71 -6.95 4.33
CA LYS A 36 -22.19 -6.07 5.41
C LYS A 36 -22.39 -4.63 4.91
N ALA A 37 -21.46 -4.17 4.07
CA ALA A 37 -21.61 -2.87 3.39
C ALA A 37 -22.90 -2.82 2.56
N ARG A 38 -23.13 -3.85 1.76
CA ARG A 38 -24.34 -3.92 0.94
C ARG A 38 -25.61 -3.93 1.81
N GLU A 39 -25.52 -4.59 2.96
CA GLU A 39 -26.63 -4.69 3.89
C GLU A 39 -26.92 -3.38 4.64
N LYS A 40 -25.88 -2.72 5.15
CA LYS A 40 -26.06 -1.63 6.11
C LYS A 40 -25.91 -0.20 5.58
N VAL A 41 -25.22 0.00 4.45
CA VAL A 41 -24.94 1.35 3.95
C VAL A 41 -25.68 1.61 2.64
N PRO A 42 -26.74 2.44 2.67
CA PRO A 42 -27.60 2.69 1.50
C PRO A 42 -26.86 2.90 0.18
N LYS A 43 -25.93 3.85 0.14
CA LYS A 43 -25.23 4.15 -1.12
C LYS A 43 -24.33 3.01 -1.63
N LEU A 44 -23.97 2.08 -0.75
CA LEU A 44 -23.14 0.94 -1.13
C LEU A 44 -23.97 -0.33 -1.37
N HIS A 45 -25.25 -0.15 -1.69
CA HIS A 45 -26.15 -1.28 -2.00
C HIS A 45 -25.53 -2.31 -2.96
N SER A 46 -24.87 -1.84 -4.00
CA SER A 46 -24.33 -2.71 -5.05
C SER A 46 -22.79 -2.73 -5.14
N ILE A 47 -22.11 -2.39 -4.05
CA ILE A 47 -20.65 -2.52 -3.98
C ILE A 47 -20.33 -4.02 -4.01
N ARG A 48 -19.38 -4.40 -4.89
CA ARG A 48 -19.11 -5.82 -5.19
C ARG A 48 -18.00 -6.40 -4.32
N ASP A 49 -18.07 -7.71 -4.08
CA ASP A 49 -16.94 -8.40 -3.44
C ASP A 49 -15.72 -8.29 -4.33
N ARG A 50 -14.55 -8.23 -3.71
CA ARG A 50 -13.31 -7.98 -4.43
C ARG A 50 -12.65 -9.29 -4.86
N ASN A 51 -13.34 -10.02 -5.74
CA ASN A 51 -12.85 -11.29 -6.25
C ASN A 51 -11.43 -11.14 -6.81
N GLY A 52 -10.56 -12.09 -6.44
CA GLY A 52 -9.17 -12.06 -6.87
C GLY A 52 -8.19 -11.34 -5.96
N THR A 53 -8.70 -10.67 -4.92
CA THR A 53 -7.82 -9.94 -3.99
C THR A 53 -6.80 -10.85 -3.29
N HIS A 54 -7.17 -12.10 -3.06
CA HIS A 54 -6.21 -13.08 -2.52
C HIS A 54 -4.96 -13.24 -3.37
N LEU A 55 -5.06 -12.97 -4.68
CA LEU A 55 -3.89 -13.04 -5.55
C LEU A 55 -2.87 -11.92 -5.24
N ASP A 56 -3.38 -10.75 -4.85
CA ASP A 56 -2.53 -9.64 -4.38
C ASP A 56 -1.93 -9.95 -3.02
N ALA A 57 -2.74 -10.47 -2.10
CA ALA A 57 -2.27 -10.81 -0.76
C ALA A 57 -1.13 -11.84 -0.85
N GLY A 58 -1.30 -12.82 -1.72
CA GLY A 58 -0.28 -13.83 -1.93
C GLY A 58 0.99 -13.30 -2.56
N ALA A 59 0.85 -12.45 -3.58
CA ALA A 59 1.99 -11.82 -4.25
C ALA A 59 2.82 -10.97 -3.25
N LEU A 60 2.13 -10.18 -2.43
CA LEU A 60 2.78 -9.37 -1.37
C LEU A 60 3.50 -10.24 -0.33
N THR A 61 2.86 -11.35 0.03
CA THR A 61 3.42 -12.29 1.01
C THR A 61 4.71 -12.88 0.48
N THR A 62 4.66 -13.48 -0.71
CA THR A 62 5.83 -14.04 -1.38
C THR A 62 6.95 -13.01 -1.51
N THR A 63 6.59 -11.83 -2.00
CA THR A 63 7.54 -10.78 -2.29
C THR A 63 8.26 -10.31 -1.03
N PHE A 64 7.49 -9.97 0.01
CA PHE A 64 8.08 -9.41 1.21
C PHE A 64 8.69 -10.46 2.13
N GLU A 65 8.21 -11.70 2.07
CA GLU A 65 8.89 -12.80 2.78
C GLU A 65 10.28 -13.04 2.21
N GLU A 66 10.36 -12.98 0.88
CA GLU A 66 11.61 -13.08 0.15
C GLU A 66 12.57 -11.96 0.55
N LEU A 67 12.03 -10.77 0.85
CA LEU A 67 12.80 -9.64 1.31
C LEU A 67 12.96 -9.58 2.85
N HIS A 68 12.63 -10.70 3.51
CA HIS A 68 12.87 -10.91 4.94
C HIS A 68 11.95 -10.15 5.92
N PHE A 69 10.73 -9.80 5.49
CA PHE A 69 9.72 -9.27 6.39
C PHE A 69 8.87 -10.40 6.99
N GLU A 70 8.32 -10.11 8.17
CA GLU A 70 7.39 -10.99 8.85
C GLU A 70 5.96 -10.56 8.48
N ILE A 71 5.27 -11.42 7.73
CA ILE A 71 3.96 -11.07 7.19
C ILE A 71 2.84 -11.30 8.20
N LYS A 72 1.97 -10.30 8.36
CA LYS A 72 0.83 -10.37 9.27
C LYS A 72 -0.47 -10.13 8.50
N PRO A 73 -1.05 -11.21 7.94
CA PRO A 73 -2.26 -11.05 7.15
C PRO A 73 -3.53 -10.95 7.99
N HIS A 74 -4.49 -10.15 7.52
CA HIS A 74 -5.79 -10.02 8.16
C HIS A 74 -6.84 -9.89 7.08
N ASP A 75 -7.74 -10.87 7.01
CA ASP A 75 -8.76 -10.92 5.97
C ASP A 75 -10.07 -10.29 6.43
N ASP A 76 -10.72 -9.55 5.54
CA ASP A 76 -12.09 -9.08 5.72
C ASP A 76 -12.31 -8.27 7.00
N CYS A 77 -11.69 -7.09 7.04
CA CYS A 77 -11.71 -6.25 8.23
C CYS A 77 -12.70 -5.11 8.11
N THR A 78 -13.49 -4.92 9.15
CA THR A 78 -14.33 -3.74 9.30
C THR A 78 -13.41 -2.57 9.68
N VAL A 79 -13.91 -1.34 9.63
CA VAL A 79 -13.09 -0.19 10.00
C VAL A 79 -12.56 -0.33 11.43
N GLU A 80 -13.41 -0.75 12.37
CA GLU A 80 -12.98 -0.90 13.76
C GLU A 80 -11.89 -1.97 13.90
N GLN A 81 -12.02 -3.06 13.17
CA GLN A 81 -10.99 -4.10 13.15
C GLN A 81 -9.67 -3.55 12.60
N ILE A 82 -9.75 -2.70 11.58
CA ILE A 82 -8.53 -2.09 11.00
C ILE A 82 -7.82 -1.23 12.05
N TYR A 83 -8.59 -0.39 12.74
CA TYR A 83 -8.04 0.44 13.82
C TYR A 83 -7.48 -0.40 14.95
N GLU A 84 -8.16 -1.50 15.30
CA GLU A 84 -7.66 -2.42 16.34
C GLU A 84 -6.29 -2.99 15.97
N ILE A 85 -6.15 -3.44 14.73
CA ILE A 85 -4.90 -4.02 14.22
C ILE A 85 -3.78 -2.97 14.25
N LEU A 86 -4.06 -1.78 13.77
CA LEU A 86 -3.03 -0.73 13.73
C LEU A 86 -2.60 -0.30 15.14
N LYS A 87 -3.55 -0.26 16.07
CA LYS A 87 -3.23 0.08 17.47
C LYS A 87 -2.26 -0.95 18.04
N ILE A 88 -2.47 -2.23 17.72
CA ILE A 88 -1.58 -3.27 18.21
C ILE A 88 -0.15 -2.99 17.75
N TYR A 89 0.01 -2.63 16.48
CA TYR A 89 1.34 -2.37 15.95
C TYR A 89 1.91 -1.02 16.35
N GLN A 90 1.06 -0.04 16.61
CA GLN A 90 1.50 1.25 17.16
C GLN A 90 2.10 1.07 18.55
N LEU A 91 1.50 0.20 19.35
CA LEU A 91 1.96 -0.06 20.72
C LEU A 91 3.04 -1.16 20.80
N MET A 92 3.33 -1.84 19.70
CA MET A 92 4.35 -2.89 19.70
C MET A 92 5.74 -2.28 19.79
N ASP A 93 6.68 -3.08 20.28
CA ASP A 93 8.07 -2.69 20.37
C ASP A 93 8.79 -3.08 19.07
N HIS A 94 9.10 -2.08 18.24
CA HIS A 94 9.82 -2.28 16.98
C HIS A 94 11.33 -2.04 17.11
N SER A 95 11.86 -2.01 18.34
CA SER A 95 13.28 -1.70 18.56
C SER A 95 14.23 -2.57 17.74
N ASN A 96 13.88 -3.84 17.57
CA ASN A 96 14.73 -4.79 16.83
C ASN A 96 14.43 -4.87 15.33
N MET A 97 13.53 -3.99 14.87
CA MET A 97 13.17 -3.91 13.44
C MET A 97 13.82 -2.70 12.79
N ASP A 98 13.96 -2.75 11.47
CA ASP A 98 14.52 -1.64 10.69
C ASP A 98 13.47 -0.95 9.81
N CYS A 99 12.28 -1.51 9.74
CA CYS A 99 11.26 -1.04 8.79
C CYS A 99 9.89 -1.53 9.23
N PHE A 100 8.84 -0.84 8.78
CA PHE A 100 7.46 -1.26 8.98
C PHE A 100 6.71 -1.02 7.66
N ILE A 101 5.93 -2.02 7.26
CA ILE A 101 5.12 -1.96 6.02
C ILE A 101 3.66 -2.29 6.33
N CYS A 102 2.74 -1.54 5.75
CA CYS A 102 1.30 -1.81 5.90
C CYS A 102 0.61 -1.71 4.52
N CYS A 103 0.02 -2.82 4.08
CA CYS A 103 -0.65 -2.91 2.79
C CYS A 103 -2.13 -3.03 3.03
N ILE A 104 -2.90 -2.16 2.38
CA ILE A 104 -4.37 -2.19 2.47
C ILE A 104 -4.96 -2.46 1.09
N LEU A 105 -5.73 -3.54 1.00
CA LEU A 105 -6.42 -3.94 -0.22
C LEU A 105 -7.92 -3.85 0.04
N SER A 106 -8.59 -2.90 -0.59
CA SER A 106 -10.01 -2.66 -0.30
C SER A 106 -10.66 -1.76 -1.33
N HIS A 107 -11.96 -1.53 -1.15
CA HIS A 107 -12.62 -0.46 -1.85
C HIS A 107 -12.25 0.86 -1.18
N GLY A 108 -12.43 1.96 -1.90
CA GLY A 108 -12.23 3.29 -1.32
C GLY A 108 -12.92 4.40 -2.10
N ASP A 109 -12.71 5.62 -1.62
CA ASP A 109 -13.22 6.85 -2.24
C ASP A 109 -12.22 7.95 -1.86
N LYS A 110 -12.54 9.19 -2.21
CA LYS A 110 -11.63 10.32 -2.00
C LYS A 110 -11.10 10.38 -0.58
N GLY A 111 -9.80 10.09 -0.44
CA GLY A 111 -9.08 10.19 0.82
C GLY A 111 -9.33 9.10 1.86
N ILE A 112 -10.11 8.07 1.48
CA ILE A 112 -10.53 7.05 2.43
C ILE A 112 -10.42 5.65 1.85
N ILE A 113 -10.42 4.68 2.75
CA ILE A 113 -10.66 3.28 2.39
C ILE A 113 -11.86 2.79 3.19
N TYR A 114 -12.56 1.81 2.63
CA TYR A 114 -13.72 1.22 3.27
C TYR A 114 -13.36 -0.04 4.03
N GLY A 115 -13.94 -0.18 5.22
CA GLY A 115 -14.02 -1.48 5.86
C GLY A 115 -15.03 -2.34 5.11
N THR A 116 -15.01 -3.64 5.36
CA THR A 116 -15.99 -4.55 4.75
C THR A 116 -17.43 -4.20 5.16
N ASP A 117 -17.56 -3.45 6.26
CA ASP A 117 -18.85 -2.95 6.74
C ASP A 117 -19.30 -1.64 6.08
N GLY A 118 -18.50 -1.10 5.17
CA GLY A 118 -18.85 0.11 4.43
C GLY A 118 -18.63 1.40 5.21
N GLN A 119 -18.07 1.30 6.41
CA GLN A 119 -17.61 2.48 7.15
C GLN A 119 -16.30 2.98 6.53
N GLU A 120 -15.98 4.26 6.76
CA GLU A 120 -14.83 4.90 6.13
C GLU A 120 -13.68 5.11 7.12
N ALA A 121 -12.46 4.87 6.63
CA ALA A 121 -11.24 5.20 7.36
C ALA A 121 -10.42 6.16 6.51
N PRO A 122 -10.29 7.43 6.94
CA PRO A 122 -9.40 8.33 6.20
C PRO A 122 -7.96 7.81 6.22
N ILE A 123 -7.31 7.84 5.07
CA ILE A 123 -5.98 7.28 4.93
C ILE A 123 -5.00 7.90 5.92
N TYR A 124 -5.05 9.22 6.07
CA TYR A 124 -4.11 9.86 6.98
C TYR A 124 -4.42 9.57 8.45
N GLU A 125 -5.65 9.12 8.77
CA GLU A 125 -5.93 8.59 10.13
C GLU A 125 -5.20 7.28 10.38
N LEU A 126 -4.91 6.53 9.32
CA LEU A 126 -4.20 5.26 9.42
C LEU A 126 -2.69 5.48 9.55
N THR A 127 -2.12 6.28 8.65
CA THR A 127 -0.68 6.53 8.65
C THR A 127 -0.24 7.29 9.91
N SER A 128 -1.07 8.22 10.40
CA SER A 128 -0.71 9.10 11.53
C SER A 128 -0.50 8.35 12.85
N GLN A 129 -0.95 7.09 12.92
CA GLN A 129 -0.73 6.23 14.10
CA GLN A 129 -0.71 6.29 14.13
C GLN A 129 0.75 5.87 14.29
N PHE A 130 1.56 6.08 13.26
CA PHE A 130 2.96 5.65 13.29
C PHE A 130 3.99 6.77 13.23
N THR A 131 3.56 7.99 13.51
CA THR A 131 4.50 9.10 13.65
C THR A 131 5.50 8.78 14.76
N GLY A 132 6.61 9.53 14.79
CA GLY A 132 7.67 9.32 15.78
C GLY A 132 7.19 9.43 17.23
N LEU A 133 6.27 10.35 17.50
CA LEU A 133 5.77 10.55 18.85
C LEU A 133 4.83 9.41 19.24
N LYS A 134 4.04 8.95 18.29
CA LYS A 134 3.06 7.88 18.56
C LYS A 134 3.67 6.48 18.58
N CYS A 135 4.77 6.29 17.83
CA CYS A 135 5.48 5.02 17.79
C CYS A 135 7.00 5.26 17.83
N PRO A 136 7.54 5.60 19.02
CA PRO A 136 8.97 5.96 19.16
C PRO A 136 9.96 4.90 18.70
N SER A 137 9.60 3.62 18.82
CA SER A 137 10.52 2.55 18.42
C SER A 137 10.64 2.43 16.88
N LEU A 138 9.85 3.20 16.13
CA LEU A 138 10.02 3.33 14.67
C LEU A 138 10.63 4.70 14.27
N ALA A 139 10.96 5.55 15.25
CA ALA A 139 11.57 6.86 14.94
C ALA A 139 12.88 6.69 14.16
N GLY A 140 12.97 7.43 13.07
CA GLY A 140 14.12 7.35 12.18
C GLY A 140 14.10 6.15 11.24
N LYS A 141 13.04 5.31 11.29
CA LYS A 141 12.95 4.14 10.43
C LYS A 141 11.84 4.31 9.41
N PRO A 142 12.02 3.76 8.19
CA PRO A 142 11.02 3.91 7.13
C PRO A 142 9.71 3.21 7.45
N LYS A 143 8.61 3.91 7.20
CA LYS A 143 7.27 3.40 7.40
C LYS A 143 6.56 3.51 6.06
N VAL A 144 6.18 2.37 5.51
CA VAL A 144 5.73 2.28 4.12
C VAL A 144 4.29 1.78 4.10
N PHE A 145 3.43 2.51 3.39
CA PHE A 145 2.01 2.18 3.27
C PHE A 145 1.66 2.04 1.79
N PHE A 146 1.13 0.88 1.41
CA PHE A 146 0.64 0.68 0.03
C PHE A 146 -0.88 0.56 0.09
N ILE A 147 -1.56 1.45 -0.61
CA ILE A 147 -3.02 1.50 -0.59
C ILE A 147 -3.55 1.16 -1.98
N GLN A 148 -4.16 -0.03 -2.08
CA GLN A 148 -4.84 -0.47 -3.29
C GLN A 148 -6.35 -0.29 -3.08
N ALA A 149 -6.88 0.78 -3.65
CA ALA A 149 -8.30 1.15 -3.54
C ALA A 149 -8.59 2.26 -4.56
N CYS A 150 -9.85 2.38 -4.98
CA CYS A 150 -10.27 3.59 -5.71
C CYS A 150 -10.16 4.78 -4.76
N GLN A 151 -10.00 5.96 -5.35
CA GLN A 151 -10.00 7.22 -4.60
C GLN A 151 -11.09 8.16 -5.15
N GLY A 152 -12.17 7.56 -5.65
CA GLY A 152 -13.27 8.27 -6.30
C GLY A 152 -13.80 7.43 -7.44
N ASP A 153 -14.77 7.96 -8.16
CA ASP A 153 -15.47 7.19 -9.19
C ASP A 153 -15.20 7.65 -10.61
N ASN A 154 -14.28 8.59 -10.78
CA ASN A 154 -13.97 9.10 -12.11
C ASN A 154 -12.98 8.20 -12.84
N TYR A 155 -13.20 8.08 -14.14
CA TYR A 155 -12.24 7.38 -15.00
C TYR A 155 -11.15 8.37 -15.36
N GLN A 156 -9.92 7.93 -15.25
CA GLN A 156 -8.78 8.68 -15.71
C GLN A 156 -8.70 8.60 -17.25
N LYS A 157 -8.84 9.73 -17.93
CA LYS A 157 -8.77 9.76 -19.39
C LYS A 157 -7.34 9.53 -19.90
N GLY A 158 -7.25 9.05 -21.14
CA GLY A 158 -5.97 8.82 -21.80
C GLY A 158 -5.57 10.00 -22.68
N ILE A 159 -4.27 10.16 -22.89
CA ILE A 159 -3.73 11.17 -23.79
C ILE A 159 -2.72 10.49 -24.73
N PRO A 160 -2.73 10.89 -26.03
CA PRO A 160 -1.83 10.29 -27.00
C PRO A 160 -0.39 10.80 -26.88
N VAL A 161 0.57 9.89 -26.96
CA VAL A 161 1.98 10.24 -26.99
C VAL A 161 2.70 9.30 -27.97
N GLU A 162 3.93 9.67 -28.34
CA GLU A 162 4.79 8.82 -29.15
C GLU A 162 5.25 7.58 -28.37
N THR A 163 5.39 6.45 -29.05
CA THR A 163 5.88 5.24 -28.40
C THR A 163 7.37 5.38 -28.06
N ASP A 164 7.77 4.91 -26.88
CA ASP A 164 9.20 4.84 -26.52
C ASP A 164 9.86 3.74 -27.35
N THR B 6 21.41 14.59 21.63
CA THR B 6 20.92 13.81 20.50
C THR B 6 20.40 14.74 19.41
N ARG B 7 19.99 14.15 18.29
CA ARG B 7 19.48 14.93 17.17
C ARG B 7 17.96 14.78 17.12
N TYR B 8 17.31 15.78 16.54
CA TYR B 8 15.87 15.75 16.36
C TYR B 8 15.51 15.86 14.87
N ILE B 9 14.55 15.04 14.44
CA ILE B 9 13.99 15.11 13.10
C ILE B 9 12.47 15.31 13.23
N PRO B 10 11.79 15.68 12.14
CA PRO B 10 10.35 15.86 12.22
C PRO B 10 9.56 14.62 12.61
N ASP B 11 8.48 14.85 13.34
CA ASP B 11 7.53 13.81 13.76
C ASP B 11 7.03 12.95 12.59
N GLU B 12 6.84 13.57 11.42
CA GLU B 12 6.28 12.92 10.23
C GLU B 12 7.35 12.52 9.19
N ALA B 13 8.59 12.41 9.62
CA ALA B 13 9.67 11.98 8.73
C ALA B 13 9.58 10.49 8.41
N ASP B 14 10.24 10.09 7.32
CA ASP B 14 10.50 8.70 6.98
C ASP B 14 9.27 7.87 6.59
N PHE B 15 8.26 8.53 6.03
CA PHE B 15 7.09 7.84 5.47
C PHE B 15 7.17 7.71 3.94
N LEU B 16 6.61 6.61 3.44
CA LEU B 16 6.34 6.43 2.03
C LEU B 16 4.90 5.96 1.91
N LEU B 17 4.11 6.68 1.11
CA LEU B 17 2.72 6.34 0.84
C LEU B 17 2.59 6.05 -0.65
N GLY B 18 2.38 4.78 -0.96
CA GLY B 18 2.20 4.34 -2.33
C GLY B 18 0.74 4.19 -2.63
N MET B 19 0.16 5.15 -3.37
CA MET B 19 -1.24 5.08 -3.76
C MET B 19 -1.39 4.45 -5.15
N ALA B 20 -2.40 3.59 -5.29
CA ALA B 20 -2.70 2.93 -6.56
C ALA B 20 -3.17 3.94 -7.62
N THR B 21 -3.73 5.06 -7.17
CA THR B 21 -4.31 6.06 -8.08
C THR B 21 -4.24 7.47 -7.50
N VAL B 22 -4.16 8.44 -8.40
CA VAL B 22 -4.35 9.85 -8.05
C VAL B 22 -5.74 10.01 -7.42
N ASN B 23 -5.94 11.10 -6.68
CA ASN B 23 -7.25 11.36 -6.07
C ASN B 23 -8.37 11.50 -7.12
N ASN B 24 -9.59 11.17 -6.70
CA ASN B 24 -10.82 11.30 -7.48
C ASN B 24 -11.09 10.20 -8.52
N CYS B 25 -10.15 9.27 -8.69
CA CYS B 25 -10.25 8.30 -9.77
C CYS B 25 -10.20 6.86 -9.31
N VAL B 26 -10.57 5.97 -10.22
CA VAL B 26 -10.64 4.54 -9.95
C VAL B 26 -9.27 3.86 -10.09
N SER B 27 -9.12 2.72 -9.42
CA SER B 27 -8.07 1.78 -9.73
C SER B 27 -8.73 0.44 -10.09
N TYR B 28 -7.97 -0.45 -10.72
CA TYR B 28 -8.52 -1.63 -11.38
C TYR B 28 -8.00 -2.93 -10.78
N ARG B 29 -8.91 -3.91 -10.77
CA ARG B 29 -8.62 -5.27 -10.31
C ARG B 29 -9.05 -6.27 -11.37
N ASN B 30 -8.11 -7.09 -11.81
CA ASN B 30 -8.39 -8.22 -12.70
C ASN B 30 -8.67 -9.41 -11.77
N PRO B 31 -9.91 -9.91 -11.76
CA PRO B 31 -10.26 -10.97 -10.80
C PRO B 31 -9.50 -12.31 -11.00
N ALA B 32 -8.96 -12.53 -12.20
CA ALA B 32 -8.14 -13.73 -12.47
C ALA B 32 -6.63 -13.51 -12.31
N GLU B 33 -6.20 -12.31 -11.92
CA GLU B 33 -4.78 -11.98 -11.90
C GLU B 33 -4.31 -11.14 -10.67
N GLY B 34 -5.20 -10.31 -10.14
CA GLY B 34 -4.82 -9.32 -9.12
C GLY B 34 -4.96 -7.92 -9.66
N THR B 35 -4.62 -6.92 -8.84
CA THR B 35 -4.78 -5.53 -9.25
C THR B 35 -3.60 -5.05 -10.09
N TRP B 36 -3.86 -4.10 -10.97
CA TRP B 36 -2.81 -3.52 -11.80
C TRP B 36 -1.64 -3.06 -10.94
N TYR B 37 -1.95 -2.34 -9.87
CA TYR B 37 -0.93 -1.68 -9.06
C TYR B 37 -0.12 -2.69 -8.24
N ILE B 38 -0.79 -3.56 -7.47
CA ILE B 38 -0.08 -4.52 -6.61
C ILE B 38 0.72 -5.54 -7.43
N GLN B 39 0.16 -6.03 -8.52
CA GLN B 39 0.89 -6.99 -9.36
C GLN B 39 2.13 -6.35 -9.99
N SER B 40 2.01 -5.11 -10.44
CA SER B 40 3.14 -4.37 -11.00
CA SER B 40 3.15 -4.38 -11.01
C SER B 40 4.21 -4.13 -9.94
N LEU B 41 3.76 -3.69 -8.77
CA LEU B 41 4.63 -3.43 -7.62
C LEU B 41 5.46 -4.69 -7.26
N CYS B 42 4.78 -5.81 -7.11
CA CYS B 42 5.46 -7.05 -6.74
C CYS B 42 6.47 -7.50 -7.80
N GLN B 43 6.09 -7.39 -9.07
CA GLN B 43 6.97 -7.76 -10.16
C GLN B 43 8.23 -6.92 -10.16
N SER B 44 8.05 -5.60 -9.99
CA SER B 44 9.17 -4.67 -9.98
C SER B 44 10.07 -4.88 -8.76
N LEU B 45 9.46 -5.09 -7.61
CA LEU B 45 10.23 -5.38 -6.39
C LEU B 45 11.08 -6.66 -6.57
N ARG B 46 10.45 -7.74 -7.04
CA ARG B 46 11.16 -9.01 -7.19
C ARG B 46 12.31 -8.92 -8.19
N GLU B 47 12.13 -8.13 -9.24
CA GLU B 47 13.12 -7.93 -10.30
C GLU B 47 14.27 -7.00 -9.87
N ARG B 48 13.92 -5.89 -9.23
CA ARG B 48 14.87 -4.78 -9.02
C ARG B 48 15.55 -4.75 -7.65
N CYS B 49 14.90 -5.27 -6.61
CA CYS B 49 15.52 -5.25 -5.28
C CYS B 49 16.87 -6.00 -5.27
N PRO B 50 16.96 -7.17 -5.94
CA PRO B 50 18.26 -7.86 -6.04
C PRO B 50 19.36 -7.07 -6.76
N ARG B 51 18.95 -6.13 -7.62
CA ARG B 51 19.87 -5.25 -8.32
C ARG B 51 20.31 -4.05 -7.48
N GLY B 52 19.75 -3.91 -6.27
CA GLY B 52 20.07 -2.80 -5.39
C GLY B 52 19.29 -1.52 -5.65
N ASP B 53 18.24 -1.59 -6.47
CA ASP B 53 17.47 -0.39 -6.82
C ASP B 53 16.65 0.07 -5.62
N ASP B 54 16.45 1.37 -5.50
CA ASP B 54 15.70 1.92 -4.37
C ASP B 54 14.21 1.99 -4.68
N ILE B 55 13.42 2.19 -3.64
CA ILE B 55 11.97 2.10 -3.77
C ILE B 55 11.38 3.19 -4.66
N LEU B 56 12.01 4.37 -4.72
CA LEU B 56 11.50 5.46 -5.58
C LEU B 56 11.73 5.14 -7.05
N THR B 57 12.89 4.54 -7.36
CA THR B 57 13.16 4.08 -8.73
C THR B 57 12.12 3.00 -9.11
N ILE B 58 11.89 2.09 -8.18
CA ILE B 58 10.91 1.01 -8.38
C ILE B 58 9.49 1.56 -8.58
N LEU B 59 9.07 2.51 -7.74
CA LEU B 59 7.73 3.09 -7.90
C LEU B 59 7.58 3.93 -9.17
N THR B 60 8.68 4.50 -9.66
CA THR B 60 8.69 5.17 -10.95
C THR B 60 8.37 4.15 -12.06
N GLU B 61 9.00 2.98 -12.00
CA GLU B 61 8.71 1.90 -12.94
C GLU B 61 7.25 1.43 -12.85
N VAL B 62 6.72 1.33 -11.64
CA VAL B 62 5.31 0.99 -11.45
C VAL B 62 4.41 2.05 -12.11
N ASN B 63 4.72 3.33 -11.93
CA ASN B 63 4.00 4.40 -12.65
C ASN B 63 4.04 4.15 -14.17
N TYR B 64 5.23 3.86 -14.70
CA TYR B 64 5.38 3.57 -16.14
C TYR B 64 4.50 2.41 -16.59
N GLU B 65 4.58 1.28 -15.88
CA GLU B 65 3.90 0.05 -16.28
C GLU B 65 2.38 0.19 -16.21
N VAL B 66 1.89 0.71 -15.09
CA VAL B 66 0.46 0.87 -14.90
C VAL B 66 -0.09 1.92 -15.90
N SER B 67 0.71 2.95 -16.21
CA SER B 67 0.31 3.97 -17.19
C SER B 67 0.05 3.40 -18.59
N ASN B 68 0.67 2.26 -18.90
CA ASN B 68 0.50 1.61 -20.21
C ASN B 68 -0.65 0.63 -20.31
N LYS B 69 -1.34 0.39 -19.20
CA LYS B 69 -2.50 -0.48 -19.19
C LYS B 69 -3.78 0.30 -19.51
N ASP B 70 -4.81 -0.41 -19.96
CA ASP B 70 -6.07 0.26 -20.19
C ASP B 70 -7.30 -0.61 -19.95
N ASP B 71 -8.37 0.10 -19.62
CA ASP B 71 -9.68 -0.44 -19.43
C ASP B 71 -10.41 -0.17 -20.76
N LYS B 72 -10.48 -1.20 -21.60
CA LYS B 72 -11.02 -1.04 -22.97
C LYS B 72 -12.55 -0.89 -23.02
N LYS B 73 -13.22 -1.20 -21.92
CA LYS B 73 -14.67 -0.95 -21.78
C LYS B 73 -14.96 0.54 -21.76
N ASN B 74 -14.15 1.30 -21.04
CA ASN B 74 -14.40 2.73 -20.82
C ASN B 74 -13.31 3.63 -21.40
N MET B 75 -12.33 3.05 -22.09
CA MET B 75 -11.10 3.76 -22.47
C MET B 75 -10.51 4.45 -21.23
N GLY B 76 -10.43 3.69 -20.14
CA GLY B 76 -9.98 4.20 -18.86
C GLY B 76 -8.51 3.90 -18.63
N LYS B 77 -7.85 4.76 -17.86
CA LYS B 77 -6.46 4.58 -17.52
C LYS B 77 -6.34 4.62 -16.01
N GLN B 78 -5.13 4.37 -15.50
CA GLN B 78 -4.88 4.45 -14.07
C GLN B 78 -3.49 5.04 -13.85
N MET B 79 -3.42 6.01 -12.94
CA MET B 79 -2.18 6.73 -12.65
C MET B 79 -1.84 6.61 -11.16
N PRO B 80 -0.93 5.70 -10.81
CA PRO B 80 -0.50 5.64 -9.39
C PRO B 80 0.24 6.91 -8.94
N GLN B 81 0.38 7.10 -7.63
CA GLN B 81 0.91 8.35 -7.12
C GLN B 81 1.57 8.16 -5.75
N PRO B 82 2.90 7.97 -5.72
CA PRO B 82 3.60 7.99 -4.44
C PRO B 82 3.79 9.39 -3.85
N THR B 83 3.82 9.45 -2.53
CA THR B 83 4.16 10.66 -1.78
CA THR B 83 4.20 10.66 -1.81
C THR B 83 5.14 10.22 -0.69
N PHE B 84 6.12 11.05 -0.35
CA PHE B 84 7.13 10.61 0.62
C PHE B 84 7.75 11.71 1.48
N THR B 85 8.08 11.34 2.71
CA THR B 85 8.91 12.17 3.59
C THR B 85 10.22 11.44 3.92
N LEU B 86 10.59 10.45 3.11
CA LEU B 86 11.85 9.74 3.25
C LEU B 86 13.04 10.69 3.18
N ARG B 87 14.01 10.44 4.05
CA ARG B 87 15.21 11.29 4.15
C ARG B 87 16.47 10.58 3.64
N LYS B 88 16.33 9.30 3.32
CA LYS B 88 17.42 8.48 2.80
C LYS B 88 16.86 7.58 1.70
N LYS B 89 17.76 6.99 0.93
CA LYS B 89 17.41 5.93 -0.02
C LYS B 89 16.83 4.74 0.74
N LEU B 90 15.74 4.18 0.22
CA LEU B 90 15.13 2.99 0.78
C LEU B 90 15.38 1.80 -0.13
N VAL B 91 16.23 0.88 0.34
CA VAL B 91 16.52 -0.36 -0.37
C VAL B 91 16.13 -1.55 0.50
N PHE B 92 15.74 -2.65 -0.14
CA PHE B 92 15.41 -3.90 0.54
C PHE B 92 16.39 -4.98 0.06
N PRO B 93 17.56 -5.09 0.71
CA PRO B 93 18.56 -6.08 0.29
C PRO B 93 18.11 -7.53 0.45
N SER B 94 18.72 -8.42 -0.31
CA SER B 94 18.33 -9.84 -0.31
CA SER B 94 18.38 -9.85 -0.35
C SER B 94 19.17 -10.69 0.65
N ASP B 95 20.40 -10.26 0.93
CA ASP B 95 21.32 -11.01 1.80
C ASP B 95 20.91 -10.97 3.27
#